data_3EHT
#
_entry.id   3EHT
#
_cell.length_a   112.977
_cell.length_b   112.977
_cell.length_c   158.240
_cell.angle_alpha   90.000
_cell.angle_beta   90.000
_cell.angle_gamma   90.000
#
_symmetry.space_group_name_H-M   'P 41 21 2'
#
loop_
_entity.id
_entity.type
_entity.pdbx_description
1 polymer 'FUSION PROTEIN OF CRFR1 EXTRACELLULAR DOMAIN AND MBP'
2 polymer Corticoliberin
3 branched alpha-D-glucopyranose-(1-4)-alpha-D-glucopyranose
#
loop_
_entity_poly.entity_id
_entity_poly.type
_entity_poly.pdbx_seq_one_letter_code
_entity_poly.pdbx_strand_id
1 'polypeptide(L)'
;MAKIEEGKLVIWINGDKGYNGLAEVGKKFEKDTGIKVTVEHPDKLEEKFPQVAATGDGPDIIFWAHDRFGGYAQSGLLAE
ITPDKAFQDKLYPETWDAVRYNGKLIAYPIAVEALSLIYNKDLLPNPPKTWEEIPALDKELKAKGKSALMFNLQEPYFTW
PLIAADGGYAFKYENGKYDIKDVGVDNAGAKAGLTFLVDLIKNKHMNADTDYSIAEAAFNKGETAMTINGPWAWSNIDTS
KVNYGVTVLPTFKGQPSKPFVGVLSAGINAASPNKELAKEFLENYLLTDEGLEAVNKDKPLGAVALKSYEEELAKDPRIA
ATMENAQKGEIMPNIPQMSAFWYAVRTAVINAASGRQTVDEALKDAQTNAAAEFSLQDQHCESLSLASNISGLQCNASVD
LIGTCWPRSPAGQLVVRPCPAFFYGVRYNTTNNGYRECLANGSWAARVNYSECQEILNEEKKSKVHYHVAHHHHHH
;
A
2 'polypeptide(L)' LAQQAHSNRKLMEII(NH2) B
#
loop_
_chem_comp.id
_chem_comp.type
_chem_comp.name
_chem_comp.formula
GLC D-saccharide, alpha linking alpha-D-glucopyranose 'C6 H12 O6'
NH2 non-polymer 'AMINO GROUP' 'H2 N'
#
# COMPACT_ATOMS: atom_id res chain seq x y z
N LYS A 3 22.55 14.09 10.21
CA LYS A 3 22.59 13.47 11.56
C LYS A 3 22.56 11.93 11.47
N ILE A 4 22.93 11.40 10.30
CA ILE A 4 23.12 9.95 10.13
C ILE A 4 24.59 9.62 9.90
N GLU A 5 25.22 9.07 10.93
CA GLU A 5 26.67 9.00 11.02
C GLU A 5 27.35 7.95 10.15
N GLU A 6 28.68 7.94 10.24
CA GLU A 6 29.54 7.11 9.41
C GLU A 6 30.13 5.95 10.22
N GLY A 7 30.52 4.89 9.51
CA GLY A 7 31.16 3.73 10.14
C GLY A 7 30.21 2.85 10.94
N LYS A 8 28.90 3.09 10.77
CA LYS A 8 27.86 2.27 11.39
C LYS A 8 26.66 2.11 10.46
N LEU A 9 26.03 0.93 10.51
CA LEU A 9 24.85 0.65 9.71
C LEU A 9 23.57 0.60 10.53
N VAL A 10 22.60 1.41 10.13
CA VAL A 10 21.28 1.46 10.74
C VAL A 10 20.25 1.01 9.71
N ILE A 11 19.56 -0.09 10.01
CA ILE A 11 18.62 -0.68 9.08
C ILE A 11 17.19 -0.55 9.58
N TRP A 12 16.27 -0.28 8.66
CA TRP A 12 14.86 -0.18 8.96
C TRP A 12 14.04 -1.23 8.21
N ILE A 13 13.45 -2.15 8.98
CA ILE A 13 12.58 -3.18 8.43
C ILE A 13 11.19 -3.08 9.07
N ASN A 14 10.19 -3.64 8.40
CA ASN A 14 8.85 -3.73 8.93
C ASN A 14 8.80 -4.56 10.21
N GLY A 15 7.80 -4.29 11.04
CA GLY A 15 7.63 -4.96 12.33
C GLY A 15 7.36 -6.45 12.26
N ASP A 16 6.46 -6.85 11.37
CA ASP A 16 6.08 -8.27 11.25
C ASP A 16 7.15 -9.17 10.58
N LYS A 17 8.16 -8.54 9.97
CA LYS A 17 9.26 -9.27 9.34
C LYS A 17 10.31 -9.73 10.34
N GLY A 18 11.32 -10.44 9.85
CA GLY A 18 12.37 -11.00 10.69
C GLY A 18 13.47 -10.02 11.02
N TYR A 19 13.17 -9.06 11.88
CA TYR A 19 14.17 -8.08 12.29
C TYR A 19 15.18 -8.64 13.28
N ASN A 20 14.78 -9.65 14.04
CA ASN A 20 15.66 -10.32 15.00
C ASN A 20 16.68 -11.21 14.30
N GLY A 21 16.24 -11.87 13.23
CA GLY A 21 17.12 -12.67 12.39
C GLY A 21 18.08 -11.79 11.62
N LEU A 22 17.59 -10.62 11.23
CA LEU A 22 18.39 -9.61 10.55
C LEU A 22 19.41 -9.01 11.52
N ALA A 23 19.02 -8.87 12.79
CA ALA A 23 19.91 -8.40 13.85
C ALA A 23 21.04 -9.38 14.13
N GLU A 24 20.75 -10.68 13.98
CA GLU A 24 21.75 -11.73 14.09
C GLU A 24 22.76 -11.69 12.94
N VAL A 25 22.29 -11.27 11.76
CA VAL A 25 23.17 -11.04 10.61
C VAL A 25 23.99 -9.78 10.87
N GLY A 26 23.40 -8.84 11.61
CA GLY A 26 24.10 -7.63 12.03
C GLY A 26 25.26 -7.91 12.96
N LYS A 27 25.10 -8.89 13.85
CA LYS A 27 26.14 -9.27 14.80
C LYS A 27 27.28 -10.01 14.10
N LYS A 28 26.93 -10.83 13.12
CA LYS A 28 27.92 -11.51 12.28
C LYS A 28 28.76 -10.50 11.52
N PHE A 29 28.11 -9.48 10.97
CA PHE A 29 28.78 -8.42 10.23
C PHE A 29 29.57 -7.49 11.14
N GLU A 30 29.08 -7.31 12.37
CA GLU A 30 29.70 -6.41 13.35
C GLU A 30 31.14 -6.80 13.66
N LYS A 31 31.35 -8.06 14.02
CA LYS A 31 32.71 -8.55 14.23
C LYS A 31 33.18 -9.41 13.05
N ASP A 32 33.08 -8.83 11.86
CA ASP A 32 33.71 -9.35 10.65
C ASP A 32 34.50 -8.23 9.98
N THR A 33 33.92 -7.03 10.00
CA THR A 33 34.60 -5.83 9.51
C THR A 33 34.97 -4.92 10.68
N GLY A 34 33.99 -4.64 11.53
CA GLY A 34 34.15 -3.71 12.64
C GLY A 34 33.14 -2.59 12.55
N ILE A 35 31.97 -2.89 11.99
CA ILE A 35 30.93 -1.91 11.78
C ILE A 35 29.67 -2.24 12.59
N LYS A 36 29.18 -1.26 13.35
CA LYS A 36 27.99 -1.40 14.18
C LYS A 36 26.71 -1.47 13.36
N VAL A 37 26.06 -2.63 13.36
CA VAL A 37 24.81 -2.81 12.64
C VAL A 37 23.64 -2.97 13.60
N THR A 38 22.71 -2.03 13.52
CA THR A 38 21.54 -2.03 14.38
C THR A 38 20.24 -1.92 13.58
N VAL A 39 19.26 -2.74 13.95
CA VAL A 39 18.00 -2.85 13.22
C VAL A 39 16.86 -2.21 14.01
N GLU A 40 16.15 -1.29 13.37
CA GLU A 40 14.98 -0.66 13.96
C GLU A 40 13.72 -1.02 13.17
N HIS A 41 12.58 -1.07 13.84
CA HIS A 41 11.30 -1.34 13.18
C HIS A 41 10.21 -0.37 13.62
N PRO A 42 10.17 0.84 13.03
CA PRO A 42 9.25 1.88 13.46
C PRO A 42 7.89 1.78 12.79
N ASP A 43 6.90 2.44 13.40
CA ASP A 43 5.53 2.46 12.87
C ASP A 43 5.45 3.31 11.60
N LYS A 44 4.41 3.06 10.80
CA LYS A 44 4.24 3.73 9.52
C LYS A 44 5.59 3.98 8.84
N LEU A 45 6.42 2.95 8.84
CA LEU A 45 7.79 2.99 8.31
C LEU A 45 7.86 3.44 6.85
N GLU A 46 6.84 3.07 6.08
CA GLU A 46 6.82 3.32 4.65
C GLU A 46 6.47 4.77 4.29
N GLU A 47 6.05 5.54 5.29
CA GLU A 47 5.76 6.96 5.10
C GLU A 47 6.68 7.82 5.95
N LYS A 48 7.25 7.20 6.98
CA LYS A 48 8.28 7.82 7.81
C LYS A 48 9.53 8.10 6.98
N PHE A 49 10.01 7.08 6.27
CA PHE A 49 11.23 7.15 5.46
C PHE A 49 11.23 8.31 4.46
N PRO A 50 10.21 8.40 3.59
CA PRO A 50 10.23 9.50 2.62
C PRO A 50 10.09 10.89 3.25
N GLN A 51 9.98 10.93 4.58
CA GLN A 51 9.88 12.19 5.32
C GLN A 51 11.18 12.53 6.02
N VAL A 52 11.75 11.55 6.72
CA VAL A 52 13.03 11.75 7.42
C VAL A 52 14.23 11.73 6.48
N ALA A 53 14.26 10.79 5.54
CA ALA A 53 15.35 10.67 4.59
C ALA A 53 15.37 11.80 3.56
N ALA A 54 14.18 12.33 3.22
CA ALA A 54 14.06 13.46 2.30
C ALA A 54 14.85 14.70 2.75
N THR A 55 15.05 14.85 4.06
CA THR A 55 15.93 15.88 4.59
C THR A 55 17.23 15.25 5.10
N GLY A 56 17.83 14.43 4.24
CA GLY A 56 19.17 13.87 4.48
C GLY A 56 19.35 12.92 5.64
N ASP A 57 18.30 12.72 6.44
CA ASP A 57 18.41 11.97 7.69
C ASP A 57 17.47 10.76 7.84
N GLY A 58 17.71 9.73 7.04
CA GLY A 58 16.98 8.46 7.19
C GLY A 58 17.90 7.38 7.76
N PRO A 59 17.53 6.10 7.56
CA PRO A 59 18.45 5.00 7.83
C PRO A 59 19.34 4.73 6.62
N ASP A 60 20.34 3.88 6.80
CA ASP A 60 21.23 3.49 5.71
C ASP A 60 20.52 2.55 4.74
N ILE A 61 19.90 1.51 5.30
CA ILE A 61 19.12 0.56 4.50
C ILE A 61 17.66 0.54 4.94
N ILE A 62 16.77 0.42 3.96
CA ILE A 62 15.34 0.28 4.22
C ILE A 62 14.77 -0.96 3.52
N PHE A 63 13.90 -1.68 4.24
CA PHE A 63 13.33 -2.92 3.74
C PHE A 63 11.82 -2.82 3.56
N TRP A 64 11.37 -2.79 2.32
CA TRP A 64 9.94 -2.79 2.04
C TRP A 64 9.61 -3.56 0.78
N ALA A 65 8.32 -3.74 0.53
CA ALA A 65 7.85 -4.33 -0.72
C ALA A 65 8.21 -3.41 -1.90
N HIS A 66 8.46 -4.01 -3.06
CA HIS A 66 9.00 -3.28 -4.20
C HIS A 66 8.18 -2.10 -4.70
N ASP A 67 6.91 -2.02 -4.32
CA ASP A 67 5.99 -1.02 -4.87
C ASP A 67 6.23 0.41 -4.38
N ARG A 68 6.57 0.54 -3.10
CA ARG A 68 6.85 1.84 -2.50
C ARG A 68 8.10 2.48 -3.07
N PHE A 69 9.05 1.63 -3.49
CA PHE A 69 10.35 2.08 -3.94
C PHE A 69 10.30 2.94 -5.19
N GLY A 70 9.36 2.63 -6.08
CA GLY A 70 9.17 3.43 -7.29
C GLY A 70 8.92 4.87 -6.93
N GLY A 71 8.01 5.08 -5.98
CA GLY A 71 7.74 6.41 -5.44
C GLY A 71 8.98 7.10 -4.90
N TYR A 72 9.70 6.42 -4.01
CA TYR A 72 10.91 6.97 -3.41
C TYR A 72 11.93 7.35 -4.48
N ALA A 73 12.17 6.40 -5.39
CA ALA A 73 13.15 6.57 -6.48
C ALA A 73 12.99 7.91 -7.16
N GLN A 74 11.75 8.26 -7.48
CA GLN A 74 11.42 9.52 -8.13
C GLN A 74 11.89 10.73 -7.33
N SER A 75 11.63 10.71 -6.02
CA SER A 75 12.14 11.74 -5.10
C SER A 75 13.65 11.67 -4.92
N GLY A 76 14.29 10.65 -5.49
CA GLY A 76 15.73 10.50 -5.39
C GLY A 76 16.21 10.23 -3.98
N LEU A 77 15.34 9.65 -3.16
CA LEU A 77 15.72 9.26 -1.81
C LEU A 77 16.60 8.00 -1.86
N LEU A 78 16.39 7.19 -2.89
CA LEU A 78 17.16 5.98 -3.04
C LEU A 78 18.34 6.21 -3.96
N ALA A 79 19.51 5.73 -3.54
CA ALA A 79 20.68 5.71 -4.39
C ALA A 79 20.54 4.54 -5.36
N GLU A 80 21.00 4.73 -6.59
CA GLU A 80 20.95 3.65 -7.57
C GLU A 80 22.10 2.67 -7.29
N ILE A 81 21.76 1.38 -7.20
CA ILE A 81 22.76 0.34 -6.91
C ILE A 81 23.29 -0.31 -8.18
N THR A 82 24.60 -0.47 -8.25
CA THR A 82 25.22 -1.12 -9.39
C THR A 82 26.04 -2.34 -8.97
N PRO A 83 25.38 -3.52 -8.93
CA PRO A 83 26.11 -4.75 -8.72
C PRO A 83 26.64 -5.24 -10.06
N ASP A 84 27.83 -5.84 -10.08
CA ASP A 84 28.38 -6.38 -11.31
C ASP A 84 27.45 -7.48 -11.80
N LYS A 85 27.40 -7.68 -13.12
CA LYS A 85 26.44 -8.60 -13.71
C LYS A 85 26.58 -10.02 -13.14
N ALA A 86 27.76 -10.33 -12.61
CA ALA A 86 28.07 -11.64 -12.01
C ALA A 86 27.35 -11.89 -10.68
N PHE A 87 27.04 -10.81 -9.94
CA PHE A 87 26.24 -10.92 -8.72
C PHE A 87 24.77 -11.15 -9.07
N GLN A 88 24.32 -10.50 -10.13
CA GLN A 88 22.94 -10.57 -10.59
C GLN A 88 22.52 -11.98 -11.00
N ASP A 89 23.51 -12.86 -11.19
CA ASP A 89 23.27 -14.27 -11.51
C ASP A 89 22.76 -15.08 -10.33
N LYS A 90 23.20 -14.70 -9.13
CA LYS A 90 22.78 -15.35 -7.90
C LYS A 90 21.27 -15.22 -7.69
N LEU A 91 20.72 -14.09 -8.14
CA LEU A 91 19.28 -13.85 -8.05
C LEU A 91 18.60 -14.11 -9.39
N TYR A 92 17.31 -14.45 -9.33
CA TYR A 92 16.52 -14.67 -10.54
C TYR A 92 16.43 -13.38 -11.34
N PRO A 93 16.60 -13.47 -12.68
CA PRO A 93 16.67 -12.30 -13.54
C PRO A 93 15.43 -11.40 -13.48
N GLU A 94 14.26 -12.01 -13.32
CA GLU A 94 13.00 -11.27 -13.36
C GLU A 94 12.72 -10.46 -12.09
N THR A 95 13.29 -10.88 -10.97
CA THR A 95 13.08 -10.18 -9.71
C THR A 95 13.82 -8.85 -9.70
N TRP A 96 14.78 -8.71 -10.60
CA TRP A 96 15.47 -7.43 -10.80
C TRP A 96 14.56 -6.39 -11.43
N ASP A 97 13.63 -6.82 -12.28
CA ASP A 97 12.67 -5.93 -12.91
C ASP A 97 11.77 -5.26 -11.88
N ALA A 98 11.40 -6.03 -10.86
CA ALA A 98 10.59 -5.52 -9.77
C ALA A 98 11.19 -4.24 -9.21
N VAL A 99 12.52 -4.23 -9.03
CA VAL A 99 13.20 -3.09 -8.44
C VAL A 99 13.89 -2.22 -9.48
N ARG A 100 13.23 -2.02 -10.61
CA ARG A 100 13.75 -1.16 -11.66
C ARG A 100 12.81 0.01 -11.89
N TYR A 101 13.39 1.20 -11.96
CA TYR A 101 12.65 2.44 -12.16
C TYR A 101 13.46 3.36 -13.06
N ASN A 102 12.87 3.72 -14.21
CA ASN A 102 13.56 4.49 -15.27
C ASN A 102 14.82 3.78 -15.76
N GLY A 103 14.80 2.45 -15.75
CA GLY A 103 15.97 1.67 -16.13
C GLY A 103 17.04 1.54 -15.05
N LYS A 104 16.94 2.38 -14.01
CA LYS A 104 17.91 2.33 -12.89
C LYS A 104 17.52 1.24 -11.90
N LEU A 105 18.49 0.41 -11.51
CA LEU A 105 18.28 -0.53 -10.43
C LEU A 105 18.39 0.25 -9.13
N ILE A 106 17.35 0.16 -8.30
CA ILE A 106 17.24 1.02 -7.13
C ILE A 106 17.31 0.29 -5.79
N ALA A 107 17.00 -1.00 -5.81
CA ALA A 107 17.05 -1.82 -4.59
C ALA A 107 17.50 -3.25 -4.89
N TYR A 108 17.78 -4.02 -3.84
CA TYR A 108 18.09 -5.44 -3.97
C TYR A 108 16.86 -6.30 -3.66
N PRO A 109 16.43 -7.15 -4.61
CA PRO A 109 15.29 -8.02 -4.34
C PRO A 109 15.66 -9.11 -3.34
N ILE A 110 14.88 -9.24 -2.27
CA ILE A 110 15.19 -10.22 -1.23
C ILE A 110 14.31 -11.47 -1.34
N ALA A 111 13.00 -11.28 -1.29
CA ALA A 111 12.05 -12.39 -1.30
C ALA A 111 10.68 -11.98 -1.84
N VAL A 112 9.89 -12.99 -2.21
CA VAL A 112 8.54 -12.80 -2.72
C VAL A 112 7.56 -13.30 -1.69
N GLU A 113 6.62 -12.44 -1.31
CA GLU A 113 5.54 -12.85 -0.41
C GLU A 113 4.20 -12.57 -1.07
N ALA A 114 3.29 -13.52 -0.95
CA ALA A 114 1.91 -13.29 -1.32
C ALA A 114 1.02 -13.84 -0.22
N LEU A 115 -0.16 -13.26 -0.08
CA LEU A 115 -1.14 -13.73 0.91
C LEU A 115 -1.67 -15.11 0.56
N SER A 116 -1.83 -15.93 1.60
CA SER A 116 -2.38 -17.26 1.44
C SER A 116 -3.47 -17.47 2.47
N LEU A 117 -4.43 -18.33 2.16
CA LEU A 117 -5.45 -18.72 3.12
C LEU A 117 -4.86 -19.74 4.10
N ILE A 118 -4.73 -19.33 5.35
CA ILE A 118 -4.29 -20.24 6.40
C ILE A 118 -5.53 -20.72 7.13
N TYR A 119 -5.67 -22.04 7.29
CA TYR A 119 -6.81 -22.62 8.00
C TYR A 119 -6.39 -23.54 9.13
N ASN A 120 -7.32 -23.80 10.04
CA ASN A 120 -7.13 -24.70 11.16
C ASN A 120 -7.61 -26.09 10.79
N LYS A 121 -6.65 -27.00 10.59
CA LYS A 121 -6.94 -28.40 10.23
C LYS A 121 -7.90 -29.11 11.19
N ASP A 122 -7.90 -28.67 12.45
CA ASP A 122 -8.70 -29.31 13.50
C ASP A 122 -10.12 -28.76 13.53
N LEU A 123 -10.24 -27.43 13.61
CA LEU A 123 -11.54 -26.77 13.57
C LEU A 123 -12.23 -27.05 12.25
N LEU A 124 -11.50 -26.87 11.15
CA LEU A 124 -12.03 -27.12 9.81
C LEU A 124 -11.15 -28.11 9.04
N PRO A 125 -11.60 -29.38 8.92
CA PRO A 125 -10.87 -30.43 8.20
C PRO A 125 -10.62 -30.08 6.74
N ASN A 126 -11.70 -29.84 5.97
CA ASN A 126 -11.57 -29.45 4.56
C ASN A 126 -11.91 -27.98 4.30
N PRO A 127 -10.91 -27.20 3.85
CA PRO A 127 -11.04 -25.76 3.60
C PRO A 127 -12.08 -25.43 2.52
N PRO A 128 -12.64 -24.20 2.54
CA PRO A 128 -13.64 -23.82 1.56
C PRO A 128 -13.03 -23.39 0.23
N LYS A 129 -13.59 -23.90 -0.86
CA LYS A 129 -13.11 -23.58 -2.20
C LYS A 129 -13.56 -22.18 -2.62
N THR A 130 -14.73 -21.78 -2.15
CA THR A 130 -15.33 -20.50 -2.55
C THR A 130 -15.60 -19.57 -1.36
N TRP A 131 -15.90 -18.32 -1.68
CA TRP A 131 -16.23 -17.30 -0.68
C TRP A 131 -17.70 -17.34 -0.27
N GLU A 132 -18.56 -17.75 -1.20
CA GLU A 132 -19.99 -17.81 -0.99
C GLU A 132 -20.38 -18.83 0.07
N GLU A 133 -19.54 -19.84 0.25
CA GLU A 133 -19.80 -20.91 1.22
C GLU A 133 -19.34 -20.56 2.63
N ILE A 134 -18.64 -19.43 2.79
CA ILE A 134 -18.15 -19.02 4.11
C ILE A 134 -19.28 -18.57 5.05
N PRO A 135 -20.24 -17.75 4.55
CA PRO A 135 -21.44 -17.44 5.35
C PRO A 135 -22.19 -18.69 5.82
N ALA A 136 -22.28 -19.68 4.95
CA ALA A 136 -22.91 -20.96 5.29
C ALA A 136 -22.09 -21.72 6.33
N LEU A 137 -20.77 -21.67 6.19
CA LEU A 137 -19.84 -22.42 7.04
C LEU A 137 -19.36 -21.58 8.24
N ASP A 138 -20.08 -20.51 8.55
CA ASP A 138 -19.80 -19.71 9.75
C ASP A 138 -20.86 -19.92 10.83
N LYS A 139 -22.13 -19.82 10.44
CA LYS A 139 -23.25 -20.02 11.35
C LYS A 139 -23.21 -21.42 11.95
N GLU A 140 -22.48 -22.31 11.26
CA GLU A 140 -22.16 -23.64 11.75
C GLU A 140 -21.17 -23.57 12.92
N LEU A 141 -20.11 -22.79 12.74
CA LEU A 141 -19.05 -22.65 13.75
C LEU A 141 -19.42 -21.71 14.88
N LYS A 142 -20.27 -20.72 14.57
CA LYS A 142 -20.77 -19.77 15.57
C LYS A 142 -21.56 -20.47 16.68
N ALA A 143 -22.26 -21.54 16.32
CA ALA A 143 -22.95 -22.40 17.27
C ALA A 143 -21.97 -22.98 18.30
N LYS A 144 -20.82 -23.43 17.82
CA LYS A 144 -19.79 -24.04 18.67
C LYS A 144 -18.78 -23.04 19.24
N GLY A 145 -19.26 -21.76 19.37
CA GLY A 145 -18.50 -20.69 20.01
C GLY A 145 -17.22 -20.27 19.31
N LYS A 146 -17.22 -20.29 17.98
CA LYS A 146 -16.05 -19.91 17.20
C LYS A 146 -16.44 -19.02 16.02
N SER A 147 -15.49 -18.22 15.54
CA SER A 147 -15.66 -17.44 14.32
C SER A 147 -14.98 -18.17 13.17
N ALA A 148 -15.54 -18.05 11.96
CA ALA A 148 -15.05 -18.78 10.80
C ALA A 148 -13.87 -18.11 10.12
N LEU A 149 -14.01 -16.82 9.82
CA LEU A 149 -12.99 -16.09 9.08
C LEU A 149 -12.63 -14.79 9.80
N MET A 150 -11.34 -14.56 9.96
CA MET A 150 -10.84 -13.33 10.58
C MET A 150 -9.50 -12.94 9.96
N PHE A 151 -9.44 -11.72 9.44
CA PHE A 151 -8.20 -11.16 8.92
C PHE A 151 -8.21 -9.65 9.10
N ASN A 152 -7.03 -9.04 8.94
CA ASN A 152 -6.87 -7.60 9.03
C ASN A 152 -7.70 -6.84 7.99
N LEU A 153 -8.78 -6.21 8.47
CA LEU A 153 -9.64 -5.40 7.60
C LEU A 153 -9.17 -3.96 7.52
N GLN A 154 -8.15 -3.62 8.31
CA GLN A 154 -7.65 -2.24 8.39
C GLN A 154 -6.71 -1.85 7.25
N GLU A 155 -5.98 -2.83 6.72
CA GLU A 155 -5.14 -2.61 5.55
C GLU A 155 -5.76 -3.17 4.26
N PRO A 156 -5.69 -2.40 3.16
CA PRO A 156 -6.26 -2.81 1.87
C PRO A 156 -5.56 -4.00 1.23
N TYR A 157 -4.27 -4.19 1.52
CA TYR A 157 -3.48 -5.31 1.02
C TYR A 157 -4.15 -6.65 1.26
N PHE A 158 -5.01 -6.70 2.28
CA PHE A 158 -5.67 -7.93 2.70
C PHE A 158 -7.04 -8.10 2.08
N THR A 159 -7.78 -7.01 1.96
CA THR A 159 -9.14 -7.06 1.46
C THR A 159 -9.15 -6.97 -0.06
N TRP A 160 -8.08 -6.45 -0.64
CA TRP A 160 -8.01 -6.23 -2.08
C TRP A 160 -8.12 -7.50 -2.93
N PRO A 161 -7.45 -8.61 -2.52
CA PRO A 161 -7.61 -9.88 -3.25
C PRO A 161 -9.07 -10.24 -3.54
N LEU A 162 -9.95 -9.95 -2.60
CA LEU A 162 -11.39 -10.18 -2.76
C LEU A 162 -12.02 -9.19 -3.74
N ILE A 163 -11.69 -7.91 -3.56
CA ILE A 163 -12.14 -6.83 -4.45
C ILE A 163 -11.69 -7.08 -5.88
N ALA A 164 -10.45 -7.57 -6.03
CA ALA A 164 -9.84 -7.82 -7.33
C ALA A 164 -10.36 -9.09 -8.01
N ALA A 165 -10.83 -10.04 -7.21
CA ALA A 165 -11.21 -11.38 -7.69
C ALA A 165 -12.11 -11.36 -8.92
N ASP A 166 -13.20 -10.60 -8.84
CA ASP A 166 -14.21 -10.57 -9.90
C ASP A 166 -13.81 -9.77 -11.15
N GLY A 167 -13.37 -8.52 -10.95
CA GLY A 167 -12.99 -7.68 -12.08
C GLY A 167 -12.08 -6.51 -11.76
N GLY A 168 -11.82 -6.28 -10.47
CA GLY A 168 -11.08 -5.10 -10.00
C GLY A 168 -9.59 -5.16 -10.23
N TYR A 169 -9.01 -3.98 -10.50
CA TYR A 169 -7.56 -3.84 -10.73
C TYR A 169 -7.14 -2.40 -10.49
N ALA A 170 -5.85 -2.20 -10.26
CA ALA A 170 -5.29 -0.88 -10.03
C ALA A 170 -5.25 -0.08 -11.33
N PHE A 171 -4.20 -0.27 -12.12
CA PHE A 171 -4.04 0.44 -13.38
C PHE A 171 -3.91 -0.57 -14.52
N LYS A 172 -4.61 -0.30 -15.62
CA LYS A 172 -4.60 -1.23 -16.76
C LYS A 172 -3.27 -1.22 -17.49
N TYR A 173 -2.68 -2.40 -17.62
CA TYR A 173 -1.39 -2.56 -18.28
C TYR A 173 -1.55 -2.58 -19.82
N GLU A 174 -1.25 -1.45 -20.44
CA GLU A 174 -1.48 -1.26 -21.88
C GLU A 174 -0.23 -0.83 -22.66
N ASN A 175 0.23 -1.72 -23.55
CA ASN A 175 1.45 -1.50 -24.36
C ASN A 175 2.71 -1.35 -23.50
N GLY A 176 3.05 -2.44 -22.80
CA GLY A 176 4.23 -2.48 -21.92
C GLY A 176 4.31 -1.39 -20.85
N LYS A 177 3.16 -0.82 -20.48
CA LYS A 177 3.13 0.29 -19.52
C LYS A 177 1.80 0.37 -18.78
N TYR A 178 1.75 1.24 -17.77
CA TYR A 178 0.55 1.44 -16.97
C TYR A 178 -0.16 2.73 -17.32
N ASP A 179 -1.48 2.65 -17.47
CA ASP A 179 -2.29 3.81 -17.79
C ASP A 179 -2.86 4.42 -16.51
N ILE A 180 -2.35 5.60 -16.16
CA ILE A 180 -2.68 6.24 -14.88
C ILE A 180 -4.08 6.87 -14.80
N LYS A 181 -4.69 7.19 -15.94
CA LYS A 181 -6.06 7.73 -15.95
C LYS A 181 -7.06 6.58 -15.81
N ASP A 182 -6.66 5.40 -16.28
CA ASP A 182 -7.50 4.21 -16.23
C ASP A 182 -7.31 3.44 -14.93
N VAL A 183 -8.21 3.69 -13.98
CA VAL A 183 -8.22 2.99 -12.71
C VAL A 183 -9.51 2.20 -12.58
N GLY A 184 -9.38 0.88 -12.45
CA GLY A 184 -10.53 -0.01 -12.37
C GLY A 184 -10.83 -0.43 -10.94
N VAL A 185 -10.84 0.55 -10.05
CA VAL A 185 -11.08 0.33 -8.63
C VAL A 185 -12.58 0.39 -8.31
N ASP A 186 -13.40 0.59 -9.34
CA ASP A 186 -14.83 0.87 -9.16
C ASP A 186 -15.74 0.29 -10.23
N ASN A 187 -15.27 -0.70 -11.00
CA ASN A 187 -16.09 -1.35 -12.02
C ASN A 187 -17.07 -2.36 -11.42
N ALA A 188 -17.80 -3.07 -12.28
CA ALA A 188 -18.80 -4.05 -11.84
C ALA A 188 -18.21 -5.11 -10.91
N GLY A 189 -17.05 -5.64 -11.28
CA GLY A 189 -16.36 -6.66 -10.51
C GLY A 189 -15.82 -6.19 -9.17
N ALA A 190 -15.40 -4.92 -9.12
CA ALA A 190 -14.88 -4.33 -7.90
C ALA A 190 -15.99 -4.09 -6.88
N LYS A 191 -17.18 -3.76 -7.39
CA LYS A 191 -18.36 -3.58 -6.56
C LYS A 191 -18.81 -4.90 -5.96
N ALA A 192 -18.98 -5.91 -6.82
CA ALA A 192 -19.37 -7.24 -6.38
C ALA A 192 -18.50 -7.75 -5.22
N GLY A 193 -17.21 -7.44 -5.30
CA GLY A 193 -16.25 -7.82 -4.27
C GLY A 193 -16.50 -7.13 -2.94
N LEU A 194 -16.55 -5.80 -2.96
CA LEU A 194 -16.74 -5.02 -1.75
C LEU A 194 -18.16 -5.14 -1.18
N THR A 195 -19.13 -5.41 -2.05
CA THR A 195 -20.51 -5.65 -1.63
C THR A 195 -20.56 -6.85 -0.70
N PHE A 196 -20.03 -7.97 -1.17
CA PHE A 196 -20.01 -9.22 -0.42
C PHE A 196 -19.14 -9.14 0.84
N LEU A 197 -18.17 -8.24 0.83
CA LEU A 197 -17.32 -8.03 2.01
C LEU A 197 -18.08 -7.34 3.13
N VAL A 198 -18.89 -6.34 2.77
CA VAL A 198 -19.76 -5.66 3.72
C VAL A 198 -20.84 -6.64 4.23
N ASP A 199 -21.40 -7.43 3.32
CA ASP A 199 -22.34 -8.49 3.66
C ASP A 199 -21.87 -9.34 4.83
N LEU A 200 -20.55 -9.52 4.93
CA LEU A 200 -19.98 -10.30 6.02
C LEU A 200 -19.96 -9.53 7.33
N ILE A 201 -19.76 -8.21 7.25
CA ILE A 201 -19.81 -7.36 8.43
C ILE A 201 -21.26 -7.15 8.90
N LYS A 202 -22.12 -6.63 8.01
CA LYS A 202 -23.53 -6.40 8.31
C LYS A 202 -24.33 -7.69 8.40
N ASN A 203 -23.68 -8.74 8.90
CA ASN A 203 -24.33 -10.00 9.23
C ASN A 203 -23.65 -10.66 10.43
N LYS A 204 -22.67 -9.97 11.00
CA LYS A 204 -21.91 -10.42 12.17
C LYS A 204 -21.00 -11.62 11.90
N HIS A 205 -20.65 -11.83 10.63
CA HIS A 205 -19.72 -12.89 10.27
C HIS A 205 -18.29 -12.45 10.58
N MET A 206 -18.00 -11.17 10.32
CA MET A 206 -16.69 -10.59 10.60
C MET A 206 -16.84 -9.21 11.20
N ASN A 207 -16.01 -8.94 12.20
CA ASN A 207 -15.95 -7.63 12.83
C ASN A 207 -15.22 -6.64 11.92
N ALA A 208 -15.84 -5.49 11.67
CA ALA A 208 -15.22 -4.41 10.87
C ALA A 208 -14.12 -3.69 11.64
N ASP A 209 -13.98 -4.04 12.92
CA ASP A 209 -12.94 -3.50 13.79
C ASP A 209 -11.62 -4.20 13.48
N THR A 210 -11.67 -5.52 13.46
CA THR A 210 -10.51 -6.42 13.30
C THR A 210 -9.34 -5.84 12.53
N ASP A 211 -8.17 -5.84 13.17
CA ASP A 211 -6.92 -5.39 12.57
C ASP A 211 -5.94 -6.57 12.49
N TYR A 212 -4.65 -6.28 12.61
CA TYR A 212 -3.63 -7.33 12.58
C TYR A 212 -3.57 -8.13 13.89
N SER A 213 -2.93 -7.55 14.91
CA SER A 213 -2.64 -8.27 16.16
C SER A 213 -3.87 -8.93 16.79
N ILE A 214 -5.06 -8.39 16.52
CA ILE A 214 -6.32 -9.00 16.95
C ILE A 214 -6.56 -10.34 16.26
N ALA A 215 -6.58 -10.32 14.92
CA ALA A 215 -6.77 -11.54 14.12
C ALA A 215 -5.59 -12.49 14.26
N GLU A 216 -4.42 -11.94 14.52
CA GLU A 216 -3.19 -12.70 14.74
C GLU A 216 -3.26 -13.50 16.04
N ALA A 217 -3.58 -12.82 17.14
CA ALA A 217 -3.66 -13.47 18.44
C ALA A 217 -4.77 -14.52 18.51
N ALA A 218 -5.91 -14.20 17.90
CA ALA A 218 -7.10 -15.07 17.92
C ALA A 218 -6.88 -16.43 17.26
N PHE A 219 -6.15 -16.43 16.14
CA PHE A 219 -5.83 -17.66 15.42
C PHE A 219 -4.88 -18.55 16.23
N ASN A 220 -3.99 -17.90 16.97
CA ASN A 220 -3.00 -18.57 17.79
C ASN A 220 -3.57 -19.11 19.11
N LYS A 221 -4.64 -18.48 19.58
CA LYS A 221 -5.38 -18.98 20.74
C LYS A 221 -6.31 -20.14 20.37
N GLY A 222 -6.67 -20.23 19.09
CA GLY A 222 -7.51 -21.31 18.57
C GLY A 222 -8.99 -20.95 18.55
N GLU A 223 -9.27 -19.69 18.24
CA GLU A 223 -10.64 -19.15 18.31
C GLU A 223 -11.26 -18.93 16.94
N THR A 224 -10.43 -18.81 15.90
CA THR A 224 -10.92 -18.64 14.53
C THR A 224 -10.46 -19.76 13.61
N ALA A 225 -11.31 -20.11 12.64
CA ALA A 225 -11.06 -21.23 11.75
C ALA A 225 -10.06 -20.91 10.64
N MET A 226 -10.25 -19.75 10.00
CA MET A 226 -9.39 -19.33 8.90
C MET A 226 -8.91 -17.90 9.08
N THR A 227 -7.72 -17.64 8.55
CA THR A 227 -7.21 -16.28 8.44
C THR A 227 -6.58 -16.08 7.07
N ILE A 228 -6.26 -14.84 6.74
CA ILE A 228 -5.53 -14.53 5.52
C ILE A 228 -4.30 -13.75 5.90
N ASN A 229 -3.13 -14.35 5.67
CA ASN A 229 -1.88 -13.71 6.05
C ASN A 229 -0.69 -14.11 5.16
N GLY A 230 0.45 -13.48 5.41
CA GLY A 230 1.67 -13.71 4.66
C GLY A 230 2.61 -14.68 5.35
N PRO A 231 3.68 -15.10 4.65
CA PRO A 231 4.64 -16.06 5.15
C PRO A 231 5.27 -15.64 6.47
N TRP A 232 5.37 -14.34 6.72
CA TRP A 232 5.88 -13.83 7.99
C TRP A 232 5.10 -14.36 9.19
N ALA A 233 3.81 -14.63 8.99
CA ALA A 233 2.89 -15.00 10.08
C ALA A 233 3.14 -16.36 10.68
N TRP A 234 3.82 -17.22 9.92
CA TRP A 234 3.92 -18.65 10.23
C TRP A 234 4.60 -19.04 11.55
N SER A 235 5.55 -18.22 12.00
CA SER A 235 6.32 -18.51 13.21
C SER A 235 5.54 -18.40 14.52
N ASN A 236 4.58 -17.48 14.56
CA ASN A 236 3.70 -17.33 15.71
C ASN A 236 2.68 -18.45 15.79
N ILE A 237 2.31 -18.96 14.62
CA ILE A 237 1.38 -20.09 14.50
C ILE A 237 2.10 -21.38 14.92
N ASP A 238 3.43 -21.36 14.82
CA ASP A 238 4.27 -22.45 15.28
C ASP A 238 4.42 -22.42 16.80
N THR A 239 4.73 -21.23 17.34
CA THR A 239 4.86 -21.03 18.79
C THR A 239 3.62 -21.54 19.51
N SER A 240 2.45 -21.18 18.99
CA SER A 240 1.16 -21.57 19.56
C SER A 240 0.86 -23.05 19.39
N LYS A 241 1.58 -23.71 18.47
CA LYS A 241 1.37 -25.11 18.11
C LYS A 241 -0.08 -25.44 17.76
N VAL A 242 -0.61 -24.70 16.79
CA VAL A 242 -1.87 -25.03 16.14
C VAL A 242 -1.54 -25.96 14.98
N ASN A 243 -2.38 -26.96 14.76
CA ASN A 243 -2.28 -27.81 13.58
C ASN A 243 -2.96 -27.08 12.41
N TYR A 244 -2.15 -26.55 11.49
CA TYR A 244 -2.65 -25.66 10.44
C TYR A 244 -2.24 -26.08 9.04
N GLY A 245 -2.88 -25.46 8.06
CA GLY A 245 -2.59 -25.70 6.65
C GLY A 245 -2.66 -24.40 5.87
N VAL A 246 -1.63 -24.17 5.05
CA VAL A 246 -1.60 -23.03 4.16
C VAL A 246 -2.16 -23.50 2.84
N THR A 247 -3.16 -22.81 2.31
CA THR A 247 -3.76 -23.19 1.03
C THR A 247 -4.22 -22.01 0.17
N VAL A 248 -4.57 -22.32 -1.08
CA VAL A 248 -5.05 -21.32 -2.04
C VAL A 248 -6.24 -20.54 -1.46
N LEU A 249 -6.28 -19.25 -1.76
CA LEU A 249 -7.40 -18.42 -1.36
C LEU A 249 -8.70 -18.93 -1.98
N PRO A 250 -9.84 -18.66 -1.33
CA PRO A 250 -11.14 -19.03 -1.90
C PRO A 250 -11.41 -18.27 -3.19
N THR A 251 -12.31 -18.79 -4.01
CA THR A 251 -12.64 -18.16 -5.28
C THR A 251 -14.02 -17.49 -5.23
N PHE A 252 -14.04 -16.20 -5.56
CA PHE A 252 -15.29 -15.44 -5.57
C PHE A 252 -15.88 -15.37 -6.97
N LYS A 253 -17.15 -15.78 -7.08
CA LYS A 253 -17.86 -15.84 -8.36
C LYS A 253 -17.13 -16.68 -9.42
N GLY A 254 -16.61 -17.83 -9.00
CA GLY A 254 -15.87 -18.73 -9.89
C GLY A 254 -14.45 -18.23 -10.15
N GLN A 255 -14.30 -16.92 -10.24
CA GLN A 255 -13.02 -16.27 -10.44
C GLN A 255 -12.11 -16.48 -9.22
N PRO A 256 -10.82 -16.81 -9.44
CA PRO A 256 -9.85 -16.93 -8.34
C PRO A 256 -9.53 -15.57 -7.72
N SER A 257 -9.22 -15.57 -6.42
CA SER A 257 -8.80 -14.35 -5.72
C SER A 257 -7.42 -13.92 -6.22
N LYS A 258 -7.22 -12.61 -6.35
CA LYS A 258 -6.03 -12.08 -7.02
C LYS A 258 -5.14 -11.24 -6.11
N PRO A 259 -4.35 -11.89 -5.23
CA PRO A 259 -3.50 -11.09 -4.35
C PRO A 259 -2.47 -10.27 -5.13
N PHE A 260 -2.30 -9.01 -4.73
CA PHE A 260 -1.17 -8.22 -5.21
C PHE A 260 0.09 -8.78 -4.59
N VAL A 261 1.09 -9.04 -5.41
CA VAL A 261 2.27 -9.76 -4.92
C VAL A 261 3.45 -8.83 -4.76
N GLY A 262 4.01 -8.80 -3.57
CA GLY A 262 5.15 -7.93 -3.27
C GLY A 262 6.49 -8.63 -3.34
N VAL A 263 7.52 -7.87 -3.74
CA VAL A 263 8.89 -8.35 -3.67
C VAL A 263 9.59 -7.54 -2.60
N LEU A 264 9.86 -8.18 -1.46
CA LEU A 264 10.62 -7.54 -0.40
C LEU A 264 11.97 -7.14 -0.96
N SER A 265 12.31 -5.86 -0.79
CA SER A 265 13.52 -5.28 -1.36
C SER A 265 14.26 -4.42 -0.35
N ALA A 266 15.56 -4.26 -0.57
CA ALA A 266 16.39 -3.43 0.28
C ALA A 266 16.96 -2.28 -0.54
N GLY A 267 16.60 -1.05 -0.19
CA GLY A 267 17.10 0.12 -0.89
C GLY A 267 18.11 0.89 -0.08
N ILE A 268 19.14 1.40 -0.73
CA ILE A 268 20.14 2.23 -0.07
C ILE A 268 19.77 3.72 -0.13
N ASN A 269 19.74 4.34 1.05
CA ASN A 269 19.47 5.78 1.22
C ASN A 269 20.49 6.66 0.48
N ALA A 270 19.99 7.56 -0.36
CA ALA A 270 20.83 8.44 -1.17
C ALA A 270 21.69 9.39 -0.33
N ALA A 271 21.09 9.93 0.74
CA ALA A 271 21.79 10.84 1.64
C ALA A 271 22.82 10.16 2.53
N SER A 272 22.78 8.83 2.59
CA SER A 272 23.73 8.05 3.38
C SER A 272 25.15 8.15 2.84
N PRO A 273 26.15 8.29 3.73
CA PRO A 273 27.55 8.17 3.32
C PRO A 273 28.07 6.72 3.35
N ASN A 274 27.30 5.82 3.96
CA ASN A 274 27.72 4.44 4.17
C ASN A 274 27.29 3.48 3.06
N LYS A 275 27.25 4.00 1.82
CA LYS A 275 26.74 3.26 0.66
C LYS A 275 27.47 1.94 0.40
N GLU A 276 28.77 2.00 0.19
CA GLU A 276 29.57 0.80 -0.08
C GLU A 276 29.59 -0.17 1.11
N LEU A 277 29.50 0.39 2.31
CA LEU A 277 29.40 -0.40 3.54
C LEU A 277 28.14 -1.24 3.54
N ALA A 278 27.02 -0.59 3.24
CA ALA A 278 25.73 -1.25 3.10
C ALA A 278 25.79 -2.32 2.00
N LYS A 279 26.33 -1.93 0.85
CA LYS A 279 26.44 -2.84 -0.30
C LYS A 279 27.05 -4.17 0.10
N GLU A 280 28.22 -4.12 0.74
CA GLU A 280 28.93 -5.33 1.16
C GLU A 280 28.15 -6.14 2.20
N PHE A 281 27.29 -5.46 2.97
CA PHE A 281 26.44 -6.15 3.93
C PHE A 281 25.37 -6.95 3.21
N LEU A 282 24.66 -6.31 2.30
CA LEU A 282 23.56 -6.95 1.58
C LEU A 282 24.07 -8.02 0.64
N GLU A 283 25.06 -7.66 -0.18
CA GLU A 283 25.60 -8.57 -1.17
C GLU A 283 26.37 -9.72 -0.54
N ASN A 284 27.29 -9.39 0.36
CA ASN A 284 28.18 -10.39 0.92
C ASN A 284 27.63 -11.13 2.14
N TYR A 285 26.73 -10.50 2.88
CA TYR A 285 26.27 -11.08 4.14
C TYR A 285 24.81 -11.50 4.17
N LEU A 286 23.92 -10.61 3.73
CA LEU A 286 22.48 -10.87 3.80
C LEU A 286 22.01 -11.83 2.70
N LEU A 287 22.32 -11.49 1.46
CA LEU A 287 21.96 -12.32 0.31
C LEU A 287 22.95 -13.47 0.16
N THR A 288 22.88 -14.40 1.10
CA THR A 288 23.65 -15.65 1.08
C THR A 288 22.92 -16.69 1.90
N ASP A 289 23.24 -17.96 1.67
CA ASP A 289 22.55 -19.10 2.27
C ASP A 289 22.28 -18.92 3.77
N GLU A 290 23.31 -18.55 4.51
CA GLU A 290 23.21 -18.34 5.96
C GLU A 290 22.47 -17.06 6.28
N GLY A 291 22.81 -16.00 5.54
CA GLY A 291 22.18 -14.70 5.71
C GLY A 291 20.67 -14.74 5.55
N LEU A 292 20.19 -15.50 4.58
CA LEU A 292 18.75 -15.62 4.36
C LEU A 292 18.11 -16.64 5.28
N GLU A 293 18.90 -17.64 5.68
CA GLU A 293 18.46 -18.65 6.63
C GLU A 293 18.15 -18.02 7.98
N ALA A 294 18.99 -17.07 8.39
CA ALA A 294 18.81 -16.38 9.66
C ALA A 294 17.48 -15.65 9.72
N VAL A 295 17.19 -14.88 8.68
CA VAL A 295 15.95 -14.10 8.61
C VAL A 295 14.76 -15.06 8.53
N ASN A 296 14.87 -16.08 7.66
CA ASN A 296 13.84 -17.09 7.50
C ASN A 296 13.59 -17.88 8.79
N LYS A 297 14.66 -18.09 9.57
CA LYS A 297 14.56 -18.70 10.89
C LYS A 297 13.70 -17.84 11.83
N ASP A 298 13.85 -16.52 11.72
CA ASP A 298 13.11 -15.58 12.55
C ASP A 298 11.65 -15.51 12.11
N LYS A 299 11.42 -15.03 10.89
CA LYS A 299 10.10 -15.05 10.25
C LYS A 299 10.32 -15.49 8.80
N PRO A 300 9.52 -16.48 8.33
CA PRO A 300 9.66 -16.97 6.95
C PRO A 300 9.52 -15.84 5.94
N LEU A 301 10.37 -15.88 4.92
CA LEU A 301 10.46 -14.81 3.94
C LEU A 301 9.50 -14.99 2.78
N GLY A 302 8.99 -16.21 2.61
CA GLY A 302 8.28 -16.58 1.40
C GLY A 302 9.31 -17.14 0.46
N ALA A 303 9.05 -17.04 -0.84
CA ALA A 303 10.02 -17.52 -1.82
C ALA A 303 11.09 -16.46 -2.01
N VAL A 304 12.34 -16.81 -1.71
CA VAL A 304 13.43 -15.87 -1.86
C VAL A 304 13.84 -15.70 -3.33
N ALA A 305 14.61 -14.65 -3.62
CA ALA A 305 15.06 -14.36 -4.99
C ALA A 305 16.43 -14.97 -5.29
N LEU A 306 17.07 -15.50 -4.24
CA LEU A 306 18.40 -16.08 -4.33
C LEU A 306 18.32 -17.52 -4.80
N LYS A 307 18.74 -17.75 -6.04
CA LYS A 307 18.68 -19.07 -6.66
C LYS A 307 19.08 -20.19 -5.73
N SER A 308 20.30 -20.09 -5.18
CA SER A 308 20.89 -21.13 -4.31
C SER A 308 20.01 -21.57 -3.15
N TYR A 309 19.47 -20.59 -2.42
CA TYR A 309 18.66 -20.87 -1.23
C TYR A 309 17.25 -21.29 -1.60
N GLU A 310 16.75 -20.75 -2.71
CA GLU A 310 15.39 -21.05 -3.18
C GLU A 310 15.22 -22.51 -3.56
N GLU A 311 16.28 -23.14 -4.07
CA GLU A 311 16.25 -24.57 -4.41
C GLU A 311 15.86 -25.35 -3.17
N GLU A 312 16.31 -24.89 -2.02
CA GLU A 312 15.99 -25.53 -0.75
C GLU A 312 14.57 -25.21 -0.31
N LEU A 313 14.24 -23.93 -0.16
CA LEU A 313 12.90 -23.49 0.23
C LEU A 313 11.78 -24.07 -0.64
N ALA A 314 12.10 -24.35 -1.90
CA ALA A 314 11.15 -24.86 -2.89
C ALA A 314 10.36 -26.07 -2.40
N LYS A 315 11.03 -26.99 -1.70
CA LYS A 315 10.39 -28.25 -1.26
C LYS A 315 9.42 -28.10 -0.08
N ASP A 316 9.50 -26.99 0.64
CA ASP A 316 8.54 -26.66 1.69
C ASP A 316 7.13 -26.53 1.10
N PRO A 317 6.19 -27.39 1.54
CA PRO A 317 4.83 -27.41 1.00
C PRO A 317 4.07 -26.10 1.19
N ARG A 318 4.50 -25.28 2.15
CA ARG A 318 3.85 -24.00 2.44
C ARG A 318 4.20 -22.91 1.41
N ILE A 319 5.45 -22.93 0.94
CA ILE A 319 5.89 -22.05 -0.15
C ILE A 319 5.14 -22.41 -1.43
N ALA A 320 4.86 -23.70 -1.60
CA ALA A 320 4.12 -24.20 -2.74
C ALA A 320 2.77 -23.50 -2.87
N ALA A 321 2.07 -23.37 -1.75
CA ALA A 321 0.75 -22.73 -1.70
C ALA A 321 0.83 -21.21 -1.83
N THR A 322 1.82 -20.62 -1.18
CA THR A 322 2.12 -19.20 -1.30
C THR A 322 2.27 -18.81 -2.77
N MET A 323 3.17 -19.52 -3.46
CA MET A 323 3.48 -19.26 -4.86
C MET A 323 2.34 -19.60 -5.80
N GLU A 324 1.52 -20.56 -5.40
CA GLU A 324 0.37 -20.94 -6.19
C GLU A 324 -0.67 -19.84 -6.11
N ASN A 325 -0.73 -19.15 -4.96
CA ASN A 325 -1.59 -17.97 -4.82
C ASN A 325 -1.08 -16.80 -5.65
N ALA A 326 0.21 -16.53 -5.54
CA ALA A 326 0.89 -15.48 -6.31
C ALA A 326 0.67 -15.66 -7.81
N GLN A 327 0.64 -16.91 -8.27
CA GLN A 327 0.43 -17.22 -9.67
C GLN A 327 -0.95 -16.76 -10.17
N LYS A 328 -1.96 -16.87 -9.32
CA LYS A 328 -3.33 -16.45 -9.68
C LYS A 328 -3.46 -14.94 -9.69
N GLY A 329 -2.69 -14.28 -8.83
CA GLY A 329 -2.70 -12.82 -8.72
C GLY A 329 -1.70 -12.14 -9.62
N GLU A 330 -1.44 -10.87 -9.34
CA GLU A 330 -0.54 -10.06 -10.14
C GLU A 330 0.55 -9.47 -9.26
N ILE A 331 1.71 -9.21 -9.84
CA ILE A 331 2.76 -8.48 -9.14
C ILE A 331 2.38 -7.00 -9.07
N MET A 332 2.72 -6.34 -7.98
CA MET A 332 2.44 -4.91 -7.81
C MET A 332 3.20 -4.06 -8.82
N PRO A 333 2.59 -2.97 -9.28
CA PRO A 333 3.33 -1.96 -10.04
C PRO A 333 4.20 -1.17 -9.08
N ASN A 334 5.37 -0.75 -9.53
CA ASN A 334 6.19 0.09 -8.67
C ASN A 334 6.23 1.54 -9.16
N ILE A 335 5.11 1.99 -9.72
CA ILE A 335 4.96 3.39 -10.13
C ILE A 335 4.63 4.24 -8.90
N PRO A 336 4.82 5.57 -8.98
CA PRO A 336 4.55 6.41 -7.82
C PRO A 336 3.05 6.54 -7.51
N GLN A 337 2.21 6.39 -8.53
CA GLN A 337 0.75 6.51 -8.32
C GLN A 337 0.20 5.43 -7.42
N MET A 338 1.02 4.46 -7.05
CA MET A 338 0.58 3.34 -6.23
C MET A 338 0.14 3.75 -4.84
N SER A 339 0.91 4.64 -4.22
CA SER A 339 0.60 5.14 -2.87
C SER A 339 -0.77 5.81 -2.86
N ALA A 340 -1.08 6.49 -3.97
CA ALA A 340 -2.40 7.08 -4.15
C ALA A 340 -3.44 5.98 -4.19
N PHE A 341 -3.21 4.99 -5.04
CA PHE A 341 -4.11 3.84 -5.15
C PHE A 341 -4.36 3.16 -3.80
N TRP A 342 -3.29 2.87 -3.07
CA TRP A 342 -3.40 2.14 -1.80
C TRP A 342 -4.25 2.89 -0.81
N TYR A 343 -3.94 4.18 -0.67
CA TYR A 343 -4.69 5.06 0.21
C TYR A 343 -6.13 5.21 -0.27
N ALA A 344 -6.31 5.34 -1.58
CA ALA A 344 -7.64 5.44 -2.20
C ALA A 344 -8.55 4.30 -1.78
N VAL A 345 -7.97 3.11 -1.63
CA VAL A 345 -8.70 1.90 -1.26
C VAL A 345 -8.86 1.79 0.25
N ARG A 346 -7.82 2.14 1.01
CA ARG A 346 -7.92 2.10 2.47
C ARG A 346 -9.16 2.88 2.91
N THR A 347 -9.27 4.11 2.41
CA THR A 347 -10.45 4.96 2.57
C THR A 347 -11.73 4.19 2.29
N ALA A 348 -11.84 3.69 1.06
CA ALA A 348 -13.06 3.01 0.59
C ALA A 348 -13.47 1.84 1.47
N VAL A 349 -12.53 0.91 1.71
CA VAL A 349 -12.84 -0.28 2.50
C VAL A 349 -13.25 0.07 3.93
N ILE A 350 -12.53 1.03 4.54
CA ILE A 350 -12.87 1.50 5.88
C ILE A 350 -14.30 2.06 5.94
N ASN A 351 -14.60 3.00 5.05
CA ASN A 351 -15.91 3.64 5.01
C ASN A 351 -17.04 2.67 4.77
N ALA A 352 -16.85 1.75 3.82
CA ALA A 352 -17.86 0.74 3.53
C ALA A 352 -18.09 -0.20 4.71
N ALA A 353 -17.01 -0.56 5.39
CA ALA A 353 -17.05 -1.46 6.55
C ALA A 353 -17.87 -0.89 7.69
N SER A 354 -17.58 0.37 8.04
CA SER A 354 -18.27 1.05 9.14
C SER A 354 -19.71 1.42 8.81
N GLY A 355 -20.03 1.42 7.52
CA GLY A 355 -21.36 1.84 7.06
C GLY A 355 -21.42 3.31 6.72
N ARG A 356 -20.34 4.02 7.04
CA ARG A 356 -20.16 5.42 6.69
C ARG A 356 -20.61 5.74 5.26
N GLN A 357 -20.39 4.80 4.34
CA GLN A 357 -20.79 4.95 2.94
C GLN A 357 -21.34 3.65 2.37
N THR A 358 -22.21 3.76 1.38
CA THR A 358 -22.58 2.61 0.56
C THR A 358 -21.46 2.38 -0.44
N VAL A 359 -21.23 1.12 -0.79
CA VAL A 359 -20.13 0.72 -1.66
C VAL A 359 -19.95 1.68 -2.85
N ASP A 360 -20.99 1.82 -3.66
CA ASP A 360 -20.98 2.68 -4.86
C ASP A 360 -20.45 4.09 -4.59
N GLU A 361 -20.78 4.64 -3.43
CA GLU A 361 -20.29 5.96 -3.03
C GLU A 361 -18.81 5.89 -2.69
N ALA A 362 -18.44 4.91 -1.87
CA ALA A 362 -17.07 4.73 -1.42
C ALA A 362 -16.14 4.46 -2.59
N LEU A 363 -16.63 3.72 -3.58
CA LEU A 363 -15.85 3.36 -4.76
C LEU A 363 -15.70 4.48 -5.76
N LYS A 364 -16.74 5.30 -5.91
CA LYS A 364 -16.67 6.46 -6.80
C LYS A 364 -15.61 7.44 -6.30
N ASP A 365 -15.54 7.61 -4.98
CA ASP A 365 -14.52 8.43 -4.33
C ASP A 365 -13.15 7.80 -4.53
N ALA A 366 -13.10 6.47 -4.45
CA ALA A 366 -11.87 5.73 -4.64
C ALA A 366 -11.35 5.94 -6.06
N GLN A 367 -12.26 5.93 -7.03
CA GLN A 367 -11.95 6.22 -8.41
C GLN A 367 -11.30 7.60 -8.55
N THR A 368 -11.97 8.61 -7.99
CA THR A 368 -11.45 9.97 -7.97
C THR A 368 -10.06 10.03 -7.35
N ASN A 369 -9.89 9.39 -6.19
CA ASN A 369 -8.63 9.43 -5.46
C ASN A 369 -7.47 8.77 -6.19
N ALA A 370 -7.67 7.53 -6.64
CA ALA A 370 -6.63 6.77 -7.33
C ALA A 370 -6.20 7.43 -8.64
N ALA A 371 -7.17 7.91 -9.42
CA ALA A 371 -6.89 8.62 -10.66
C ALA A 371 -6.26 9.98 -10.38
N ALA A 372 -6.54 10.51 -9.19
CA ALA A 372 -6.15 11.86 -8.75
C ALA A 372 -6.77 12.96 -9.60
N GLU A 373 -8.03 12.76 -9.99
CA GLU A 373 -8.75 13.75 -10.77
C GLU A 373 -9.77 14.48 -9.87
N PHE A 374 -10.48 15.45 -10.45
CA PHE A 374 -11.56 16.14 -9.75
C PHE A 374 -12.74 15.20 -9.56
N SER A 375 -13.52 15.47 -8.51
CA SER A 375 -14.76 14.76 -8.28
C SER A 375 -15.77 15.10 -9.36
N LEU A 376 -16.76 14.23 -9.54
CA LEU A 376 -17.81 14.45 -10.53
C LEU A 376 -18.32 15.88 -10.47
N GLN A 377 -18.50 16.37 -9.25
CA GLN A 377 -19.05 17.70 -9.00
C GLN A 377 -18.20 18.81 -9.57
N ASP A 378 -16.89 18.57 -9.62
CA ASP A 378 -15.91 19.63 -9.86
C ASP A 378 -15.20 19.60 -11.21
N GLN A 379 -15.33 18.50 -11.95
CA GLN A 379 -14.63 18.33 -13.22
C GLN A 379 -14.73 19.56 -14.15
N HIS A 380 -15.76 20.38 -13.95
CA HIS A 380 -16.02 21.54 -14.79
C HIS A 380 -15.10 22.73 -14.50
N CYS A 381 -14.27 22.62 -13.46
CA CYS A 381 -13.26 23.64 -13.17
C CYS A 381 -12.03 23.43 -14.03
N GLU A 382 -11.78 22.17 -14.41
CA GLU A 382 -10.61 21.79 -15.21
C GLU A 382 -10.38 22.71 -16.39
N SER A 383 -11.43 22.88 -17.20
CA SER A 383 -11.38 23.66 -18.43
C SER A 383 -10.97 25.11 -18.17
N LEU A 384 -11.59 25.70 -17.15
CA LEU A 384 -11.48 27.14 -16.86
C LEU A 384 -10.05 27.66 -16.72
N SER A 385 -9.79 28.82 -17.32
CA SER A 385 -8.48 29.47 -17.28
C SER A 385 -8.62 30.86 -17.87
N LEU A 386 -9.69 31.55 -17.51
CA LEU A 386 -10.12 32.77 -18.19
C LEU A 386 -9.04 33.86 -18.38
N ALA A 387 -7.84 33.61 -17.83
CA ALA A 387 -6.68 34.46 -18.04
C ALA A 387 -5.46 33.67 -18.55
N SER A 388 -5.43 33.31 -19.83
CA SER A 388 -4.41 32.32 -20.28
C SER A 388 -3.69 32.48 -21.64
N ASN A 389 -3.04 31.38 -22.05
CA ASN A 389 -1.89 31.36 -22.98
C ASN A 389 -0.66 31.94 -22.25
N ILE A 390 -0.22 31.23 -21.21
CA ILE A 390 0.63 31.83 -20.17
C ILE A 390 2.14 31.68 -20.34
N SER A 391 2.81 32.83 -20.45
CA SER A 391 4.25 32.93 -20.31
C SER A 391 4.59 32.96 -18.81
N GLY A 392 5.32 31.96 -18.32
CA GLY A 392 5.78 31.94 -16.92
C GLY A 392 5.04 30.99 -15.98
N LEU A 393 5.13 31.28 -14.68
CA LEU A 393 4.49 30.48 -13.62
C LEU A 393 2.98 30.68 -13.61
N GLN A 394 2.27 29.65 -13.19
CA GLN A 394 0.81 29.71 -13.15
C GLN A 394 0.29 29.01 -11.91
N CYS A 395 -0.91 29.40 -11.49
CA CYS A 395 -1.69 28.59 -10.57
C CYS A 395 -2.65 27.82 -11.43
N ASN A 396 -2.57 26.50 -11.39
CA ASN A 396 -3.47 25.67 -12.17
C ASN A 396 -4.91 25.75 -11.68
N ALA A 397 -5.83 25.65 -12.63
CA ALA A 397 -7.26 25.58 -12.33
C ALA A 397 -7.51 24.67 -11.14
N SER A 398 -8.03 25.24 -10.07
CA SER A 398 -8.41 24.47 -8.89
C SER A 398 -9.78 24.88 -8.40
N VAL A 399 -10.26 24.19 -7.37
CA VAL A 399 -11.50 24.53 -6.73
C VAL A 399 -11.24 24.73 -5.23
N ASP A 400 -12.09 25.47 -4.54
CA ASP A 400 -11.95 25.61 -3.09
C ASP A 400 -13.01 24.81 -2.37
N LEU A 401 -13.05 24.94 -1.06
CA LEU A 401 -13.87 24.06 -0.22
C LEU A 401 -15.37 24.32 -0.27
N ILE A 402 -15.80 25.23 -1.14
CA ILE A 402 -17.22 25.47 -1.36
C ILE A 402 -17.62 25.10 -2.78
N GLY A 403 -16.62 24.87 -3.63
CA GLY A 403 -16.88 24.50 -5.00
C GLY A 403 -16.90 25.72 -5.89
N THR A 404 -16.06 26.69 -5.54
CA THR A 404 -15.86 27.87 -6.37
C THR A 404 -14.65 27.59 -7.23
N CYS A 405 -14.85 27.49 -8.55
CA CYS A 405 -13.74 27.29 -9.46
C CYS A 405 -12.81 28.50 -9.43
N TRP A 406 -11.52 28.23 -9.34
CA TRP A 406 -10.49 29.25 -9.49
C TRP A 406 -9.67 28.98 -10.74
N PRO A 407 -10.00 29.68 -11.85
CA PRO A 407 -9.44 29.39 -13.15
C PRO A 407 -7.94 29.63 -13.21
N ARG A 408 -7.27 28.96 -14.14
CA ARG A 408 -5.82 29.08 -14.31
C ARG A 408 -5.37 30.52 -14.49
N SER A 409 -4.50 30.99 -13.59
CA SER A 409 -4.03 32.36 -13.61
C SER A 409 -2.53 32.46 -13.53
N PRO A 410 -1.95 33.46 -14.19
CA PRO A 410 -0.53 33.73 -14.02
C PRO A 410 -0.24 34.15 -12.58
N ALA A 411 0.96 33.82 -12.11
CA ALA A 411 1.36 34.03 -10.73
C ALA A 411 1.45 35.51 -10.35
N GLY A 412 1.18 35.81 -9.08
CA GLY A 412 1.31 37.16 -8.57
C GLY A 412 0.17 38.08 -8.99
N GLN A 413 -1.03 37.51 -9.06
CA GLN A 413 -2.21 38.25 -9.53
C GLN A 413 -3.42 37.93 -8.68
N LEU A 414 -4.19 38.97 -8.37
CA LEU A 414 -5.43 38.82 -7.63
C LEU A 414 -6.56 38.35 -8.53
N VAL A 415 -7.08 37.17 -8.25
CA VAL A 415 -8.19 36.62 -9.01
C VAL A 415 -9.53 36.92 -8.36
N VAL A 416 -10.52 37.25 -9.17
CA VAL A 416 -11.84 37.59 -8.67
C VAL A 416 -12.91 36.64 -9.23
N ARG A 417 -13.75 36.11 -8.34
CA ARG A 417 -14.85 35.24 -8.74
C ARG A 417 -16.12 35.59 -7.96
N PRO A 418 -17.29 35.46 -8.61
CA PRO A 418 -18.51 35.90 -7.93
C PRO A 418 -18.81 35.02 -6.73
N CYS A 419 -19.32 35.65 -5.67
CA CYS A 419 -19.73 34.97 -4.45
C CYS A 419 -20.82 33.94 -4.67
N PRO A 420 -20.63 32.73 -4.09
CA PRO A 420 -21.71 31.76 -4.06
C PRO A 420 -22.78 32.17 -3.07
N ALA A 421 -24.00 31.71 -3.31
CA ALA A 421 -25.09 31.88 -2.37
C ALA A 421 -25.95 30.63 -2.50
N PHE A 422 -26.82 30.37 -1.54
CA PHE A 422 -27.53 29.09 -1.52
C PHE A 422 -28.97 29.17 -1.04
N PHE A 423 -29.92 28.90 -1.93
CA PHE A 423 -31.31 28.70 -1.51
C PHE A 423 -31.50 27.22 -1.27
N TYR A 424 -31.32 26.83 -0.02
CA TYR A 424 -31.13 25.42 0.35
C TYR A 424 -29.92 24.89 -0.42
N GLY A 425 -30.03 23.70 -1.01
CA GLY A 425 -28.93 23.16 -1.78
C GLY A 425 -28.49 24.08 -2.93
N VAL A 426 -29.49 24.70 -3.56
CA VAL A 426 -29.34 25.37 -4.85
C VAL A 426 -28.37 26.53 -4.81
N ARG A 427 -27.29 26.41 -5.60
CA ARG A 427 -26.23 27.42 -5.71
C ARG A 427 -26.56 28.51 -6.72
N TYR A 428 -26.23 29.76 -6.38
CA TYR A 428 -26.32 30.87 -7.34
C TYR A 428 -25.26 31.95 -7.06
N ASN A 429 -25.15 32.92 -7.97
CA ASN A 429 -24.12 33.97 -7.86
C ASN A 429 -24.70 35.33 -7.47
N THR A 430 -24.01 36.05 -6.59
CA THR A 430 -24.47 37.39 -6.18
C THR A 430 -23.70 38.52 -6.89
N THR A 431 -24.19 39.75 -6.70
CA THR A 431 -23.50 40.96 -7.17
C THR A 431 -22.11 41.11 -6.53
N ASN A 432 -21.88 40.36 -5.45
CA ASN A 432 -20.63 40.46 -4.70
C ASN A 432 -19.51 39.57 -5.23
N ASN A 433 -18.31 39.79 -4.71
CA ASN A 433 -17.11 39.11 -5.19
C ASN A 433 -16.24 38.48 -4.12
N GLY A 434 -15.78 37.27 -4.42
CA GLY A 434 -14.77 36.61 -3.62
C GLY A 434 -13.42 36.84 -4.26
N TYR A 435 -12.44 37.20 -3.44
CA TYR A 435 -11.11 37.49 -3.92
C TYR A 435 -10.14 36.43 -3.44
N ARG A 436 -9.26 35.97 -4.33
CA ARG A 436 -8.20 35.04 -3.97
C ARG A 436 -6.96 35.38 -4.74
N GLU A 437 -5.82 35.34 -4.08
CA GLU A 437 -4.57 35.63 -4.78
C GLU A 437 -3.87 34.37 -5.24
N CYS A 438 -3.64 34.31 -6.54
CA CYS A 438 -2.71 33.37 -7.11
C CYS A 438 -1.32 33.94 -6.80
N LEU A 439 -0.60 33.26 -5.91
CA LEU A 439 0.63 33.79 -5.34
C LEU A 439 1.80 33.83 -6.30
N ALA A 440 2.82 34.59 -5.91
CA ALA A 440 4.04 34.78 -6.68
C ALA A 440 4.78 33.50 -7.01
N ASN A 441 4.75 32.53 -6.10
CA ASN A 441 5.44 31.26 -6.32
C ASN A 441 4.65 30.25 -7.17
N GLY A 442 3.41 30.60 -7.50
CA GLY A 442 2.61 29.80 -8.41
C GLY A 442 1.52 28.97 -7.77
N SER A 443 1.30 29.18 -6.48
CA SER A 443 0.28 28.46 -5.74
C SER A 443 -0.84 29.40 -5.35
N TRP A 444 -2.06 28.89 -5.26
CA TRP A 444 -3.19 29.67 -4.75
C TRP A 444 -2.99 29.99 -3.28
N ALA A 445 -3.34 31.21 -2.89
CA ALA A 445 -3.33 31.56 -1.48
C ALA A 445 -4.28 30.63 -0.77
N ALA A 446 -3.88 30.19 0.41
CA ALA A 446 -4.62 29.21 1.19
C ALA A 446 -6.03 29.70 1.45
N ARG A 447 -6.16 31.00 1.72
CA ARG A 447 -7.43 31.57 2.13
C ARG A 447 -8.11 32.40 1.03
N VAL A 448 -9.42 32.21 0.91
CA VAL A 448 -10.23 33.01 0.02
C VAL A 448 -10.94 34.08 0.84
N ASN A 449 -10.75 35.33 0.48
CA ASN A 449 -11.46 36.41 1.14
C ASN A 449 -12.90 36.47 0.67
N TYR A 450 -13.81 35.94 1.47
CA TYR A 450 -15.22 35.90 1.11
C TYR A 450 -16.03 36.93 1.89
N SER A 451 -15.36 37.91 2.50
CA SER A 451 -16.00 38.77 3.50
C SER A 451 -17.01 39.78 2.96
N GLU A 452 -17.25 39.78 1.66
CA GLU A 452 -18.19 40.73 1.06
C GLU A 452 -19.57 40.16 0.78
N CYS A 453 -19.69 38.83 0.73
CA CYS A 453 -20.96 38.17 0.49
C CYS A 453 -21.65 37.94 1.83
N GLN A 454 -22.64 38.77 2.12
CA GLN A 454 -23.18 38.90 3.47
C GLN A 454 -24.51 38.18 3.67
N ALA B 5 -26.44 27.63 3.70
CA ALA B 5 -26.60 29.09 3.98
C ALA B 5 -25.89 29.46 5.28
N HIS B 6 -26.46 29.04 6.41
CA HIS B 6 -25.88 29.29 7.73
C HIS B 6 -24.62 28.47 7.97
N SER B 7 -24.69 27.17 7.69
CA SER B 7 -23.51 26.31 7.74
C SER B 7 -22.57 26.60 6.56
N ASN B 8 -22.98 27.57 5.73
CA ASN B 8 -22.20 28.02 4.57
C ASN B 8 -21.62 29.41 4.72
N ARG B 9 -22.18 30.21 5.62
CA ARG B 9 -21.54 31.46 6.02
C ARG B 9 -20.39 31.10 6.94
N LYS B 10 -20.66 30.18 7.88
CA LYS B 10 -19.64 29.63 8.77
C LYS B 10 -18.46 29.06 7.97
N LEU B 11 -18.76 28.34 6.90
CA LEU B 11 -17.71 27.81 6.05
C LEU B 11 -16.91 28.95 5.46
N MET B 12 -17.60 29.82 4.72
CA MET B 12 -16.97 30.96 4.04
C MET B 12 -16.15 31.92 4.90
N GLU B 13 -16.41 31.94 6.21
CA GLU B 13 -15.61 32.76 7.09
C GLU B 13 -14.28 32.08 7.34
N ILE B 14 -14.32 30.76 7.47
CA ILE B 14 -13.10 29.97 7.65
C ILE B 14 -12.33 29.80 6.34
N ILE B 15 -13.05 29.47 5.26
CA ILE B 15 -12.48 29.19 3.95
C ILE B 15 -11.75 30.40 3.35
N NH2 B 16 -12.35 31.58 3.43
C1 GLC C . 3.10 -6.74 4.71
C2 GLC C . 3.59 -6.81 3.24
C3 GLC C . 3.56 -5.45 2.53
C4 GLC C . 2.23 -4.75 2.77
C5 GLC C . 1.97 -4.66 4.28
C6 GLC C . 0.69 -3.89 4.60
O1 GLC C . 4.12 -6.27 5.57
O2 GLC C . 4.89 -7.36 3.13
O3 GLC C . 3.78 -5.66 1.15
O4 GLC C . 2.22 -3.47 2.18
O5 GLC C . 1.92 -5.96 4.85
O6 GLC C . -0.05 -4.54 5.62
C1 GLC C . 1.55 -3.33 0.95
C2 GLC C . 2.18 -2.24 0.10
C3 GLC C . 2.01 -0.88 0.75
C4 GLC C . 0.58 -0.60 1.19
C5 GLC C . -0.11 -1.82 1.81
C6 GLC C . -1.61 -1.64 1.75
O2 GLC C . 3.56 -2.47 -0.07
O3 GLC C . 2.38 0.10 -0.20
O4 GLC C . 0.61 0.42 2.17
O5 GLC C . 0.18 -3.03 1.14
O6 GLC C . -2.19 -2.41 2.78
#